data_4J8Z
#
_entry.id   4J8Z
#
_cell.length_a   111.390
_cell.length_b   71.580
_cell.length_c   62.220
_cell.angle_alpha   90.000
_cell.angle_beta   117.210
_cell.angle_gamma   90.000
#
_symmetry.space_group_name_H-M   'C 1 2 1'
#
loop_
_entity.id
_entity.type
_entity.pdbx_description
1 polymer 'Speckle-type POZ protein'
2 water water
#
_entity_poly.entity_id   1
_entity_poly.type   'polypeptide(L)'
_entity_poly.pdbx_seq_one_letter_code
;GPLGSNISGQNTMNMVKVPECRLADELGGLWENSRFTDCCLCVAGQEFQAHKAILAARSPVFSAMFEHEMEESKKNRVEI
NDVEPEVFKEMMCFIYTGKAPNLDKMADDLLAAADKYALERLKVMCEDALCSNLSVENAAEILILADLHSADQLKTQAVD
FINYHASDVLETSGWKSMVVSHPHLVAEAERSLASAQCPFLGPPRKRLKQS
;
_entity_poly.pdbx_strand_id   A,B
#
# COMPACT_ATOMS: atom_id res chain seq x y z
N MET A 15 -19.33 5.61 -26.07
CA MET A 15 -20.07 4.96 -27.21
C MET A 15 -19.73 3.45 -27.20
N VAL A 16 -18.46 3.12 -27.42
CA VAL A 16 -18.01 1.73 -27.46
C VAL A 16 -17.87 1.16 -26.03
N LYS A 17 -18.47 0.03 -25.74
CA LYS A 17 -18.32 -0.57 -24.39
C LYS A 17 -17.21 -1.61 -24.43
N VAL A 18 -16.09 -1.35 -23.76
CA VAL A 18 -15.03 -2.31 -23.64
C VAL A 18 -15.39 -3.32 -22.55
N PRO A 19 -15.30 -4.61 -22.85
CA PRO A 19 -15.59 -5.57 -21.81
C PRO A 19 -14.48 -5.64 -20.74
N GLU A 20 -14.91 -6.07 -19.56
CA GLU A 20 -14.05 -6.24 -18.41
C GLU A 20 -12.90 -7.21 -18.69
N CYS A 21 -11.71 -6.81 -18.30
CA CYS A 21 -10.48 -7.64 -18.36
C CYS A 21 -10.72 -9.01 -17.76
N ARG A 22 -10.37 -10.08 -18.49
CA ARG A 22 -10.45 -11.45 -17.96
C ARG A 22 -9.09 -12.11 -17.68
N LEU A 23 -8.01 -11.34 -17.60
CA LEU A 23 -6.68 -11.90 -17.40
C LEU A 23 -6.62 -12.82 -16.20
N ALA A 24 -7.05 -12.31 -15.07
CA ALA A 24 -6.88 -13.01 -13.84
C ALA A 24 -7.66 -14.30 -13.89
N ASP A 25 -8.86 -14.29 -14.43
CA ASP A 25 -9.65 -15.52 -14.47
C ASP A 25 -9.13 -16.53 -15.53
N GLU A 26 -8.50 -16.06 -16.58
CA GLU A 26 -8.01 -17.00 -17.56
C GLU A 26 -6.81 -17.67 -16.99
N LEU A 27 -5.96 -16.95 -16.27
CA LEU A 27 -4.86 -17.62 -15.60
C LEU A 27 -5.35 -18.57 -14.51
N GLY A 28 -6.43 -18.18 -13.81
CA GLY A 28 -7.06 -19.04 -12.84
C GLY A 28 -7.54 -20.33 -13.52
N GLY A 29 -7.94 -20.22 -14.76
CA GLY A 29 -8.28 -21.38 -15.60
C GLY A 29 -7.12 -22.34 -15.81
N LEU A 30 -5.91 -21.83 -16.04
CA LEU A 30 -4.74 -22.69 -16.21
C LEU A 30 -4.52 -23.59 -15.00
N TRP A 31 -4.61 -22.98 -13.81
CA TRP A 31 -4.35 -23.65 -12.57
C TRP A 31 -5.43 -24.63 -12.28
N GLU A 32 -6.65 -24.30 -12.67
CA GLU A 32 -7.81 -25.10 -12.26
C GLU A 32 -7.91 -26.37 -13.09
N ASN A 33 -7.56 -26.28 -14.38
CA ASN A 33 -7.66 -27.36 -15.34
C ASN A 33 -6.30 -27.89 -15.75
N SER A 34 -5.26 -27.47 -15.07
CA SER A 34 -3.94 -28.09 -15.21
C SER A 34 -3.46 -28.23 -16.64
N ARG A 35 -3.62 -27.19 -17.46
CA ARG A 35 -3.19 -27.26 -18.86
C ARG A 35 -1.83 -26.62 -19.02
N PHE A 36 -1.04 -27.17 -19.94
CA PHE A 36 0.38 -26.86 -20.17
C PHE A 36 1.32 -26.76 -18.95
N THR A 37 1.07 -27.59 -17.93
CA THR A 37 1.84 -27.49 -16.69
C THR A 37 3.21 -28.07 -16.91
N ASP A 38 4.15 -27.78 -16.02
CA ASP A 38 5.51 -28.19 -16.22
C ASP A 38 6.26 -28.45 -14.90
N CYS A 39 5.52 -28.64 -13.82
CA CYS A 39 6.09 -28.89 -12.52
C CYS A 39 4.96 -29.36 -11.66
N CYS A 40 5.29 -29.91 -10.49
CA CYS A 40 4.33 -30.61 -9.62
C CYS A 40 4.60 -30.20 -8.18
N LEU A 41 3.57 -29.96 -7.38
CA LEU A 41 3.76 -29.51 -6.01
C LEU A 41 3.04 -30.47 -5.14
N CYS A 42 3.73 -31.00 -4.13
CA CYS A 42 3.16 -32.05 -3.31
C CYS A 42 3.03 -31.58 -1.88
N VAL A 43 1.78 -31.52 -1.45
CA VAL A 43 1.42 -30.96 -0.18
C VAL A 43 0.72 -32.07 0.50
N ALA A 44 1.25 -32.56 1.64
CA ALA A 44 0.62 -33.65 2.40
C ALA A 44 0.10 -34.81 1.52
N GLY A 45 0.94 -35.30 0.60
CA GLY A 45 0.56 -36.41 -0.29
C GLY A 45 -0.31 -36.08 -1.52
N GLN A 46 -0.92 -34.89 -1.56
CA GLN A 46 -1.71 -34.43 -2.72
C GLN A 46 -0.77 -33.82 -3.76
N GLU A 47 -0.97 -34.16 -5.03
CA GLU A 47 -0.18 -33.57 -6.12
C GLU A 47 -0.94 -32.47 -6.85
N PHE A 48 -0.25 -31.38 -7.17
CA PHE A 48 -0.83 -30.26 -7.90
C PHE A 48 0.10 -29.82 -9.00
N GLN A 49 -0.36 -29.83 -10.24
CA GLN A 49 0.51 -29.40 -11.34
C GLN A 49 0.41 -27.87 -11.47
N ALA A 50 1.50 -27.23 -11.86
CA ALA A 50 1.60 -25.77 -11.91
C ALA A 50 2.54 -25.38 -13.01
N HIS A 51 2.90 -24.10 -13.06
CA HIS A 51 3.65 -23.52 -14.14
C HIS A 51 4.76 -22.68 -13.54
N LYS A 52 5.98 -23.05 -13.84
CA LYS A 52 7.11 -22.45 -13.16
C LYS A 52 7.16 -20.96 -13.38
N ALA A 53 6.91 -20.54 -14.61
CA ALA A 53 7.16 -19.15 -14.98
C ALA A 53 6.24 -18.22 -14.14
N ILE A 54 4.97 -18.61 -13.98
CA ILE A 54 3.97 -17.86 -13.26
C ILE A 54 4.37 -17.75 -11.78
N LEU A 55 4.49 -18.89 -11.13
CA LEU A 55 5.03 -18.96 -9.75
C LEU A 55 6.29 -18.15 -9.50
N ALA A 56 7.22 -18.22 -10.43
CA ALA A 56 8.49 -17.48 -10.29
C ALA A 56 8.27 -15.98 -10.37
N ALA A 57 7.42 -15.56 -11.31
CA ALA A 57 7.07 -14.18 -11.53
C ALA A 57 6.34 -13.58 -10.30
N ARG A 58 5.62 -14.41 -9.55
CA ARG A 58 4.80 -13.95 -8.43
C ARG A 58 5.40 -14.14 -7.05
N SER A 59 6.42 -14.98 -6.94
CA SER A 59 6.99 -15.33 -5.62
C SER A 59 8.46 -15.41 -5.77
N PRO A 60 9.21 -14.61 -4.99
CA PRO A 60 10.67 -14.66 -5.05
C PRO A 60 11.21 -15.96 -4.54
N VAL A 61 10.46 -16.61 -3.66
CA VAL A 61 10.86 -17.86 -3.09
C VAL A 61 10.78 -18.95 -4.17
N PHE A 62 9.60 -19.18 -4.71
CA PHE A 62 9.46 -20.02 -5.87
C PHE A 62 10.45 -19.67 -6.97
N SER A 63 10.81 -18.42 -7.13
CA SER A 63 11.62 -18.02 -8.27
C SER A 63 13.03 -18.56 -8.12
N ALA A 64 13.59 -18.41 -6.93
CA ALA A 64 14.93 -18.84 -6.63
C ALA A 64 15.04 -20.39 -6.51
N MET A 65 13.98 -21.02 -6.00
CA MET A 65 13.88 -22.45 -5.97
C MET A 65 14.09 -23.00 -7.38
N PHE A 66 13.32 -22.53 -8.35
CA PHE A 66 13.37 -23.04 -9.69
C PHE A 66 14.59 -22.60 -10.47
N GLU A 67 15.23 -21.54 -10.04
CA GLU A 67 16.32 -20.99 -10.80
C GLU A 67 17.65 -21.61 -10.31
N HIS A 68 17.75 -21.94 -9.02
CA HIS A 68 19.02 -22.30 -8.37
C HIS A 68 19.06 -23.60 -7.56
N GLU A 69 17.90 -24.21 -7.29
CA GLU A 69 17.73 -25.14 -6.17
C GLU A 69 17.11 -26.50 -6.53
N MET A 70 16.62 -26.65 -7.74
CA MET A 70 16.15 -27.96 -8.18
C MET A 70 17.34 -28.65 -8.85
N GLU A 71 17.62 -29.89 -8.44
CA GLU A 71 18.48 -30.86 -9.17
C GLU A 71 17.55 -31.64 -10.05
N GLU A 72 17.95 -31.94 -11.28
CA GLU A 72 17.09 -32.69 -12.24
C GLU A 72 16.47 -33.96 -11.64
N SER A 73 17.14 -34.59 -10.69
CA SER A 73 16.61 -35.83 -10.08
C SER A 73 15.39 -35.60 -9.18
N LYS A 74 15.04 -34.33 -8.91
CA LYS A 74 13.76 -34.02 -8.23
C LYS A 74 12.66 -34.16 -9.28
N LYS A 75 12.98 -33.85 -10.53
CA LYS A 75 12.02 -33.98 -11.63
C LYS A 75 10.96 -32.88 -11.57
N ASN A 76 11.38 -31.61 -11.41
CA ASN A 76 10.45 -30.46 -11.41
C ASN A 76 9.32 -30.65 -10.38
N ARG A 77 9.70 -30.94 -9.18
CA ARG A 77 8.81 -31.55 -8.24
C ARG A 77 9.18 -31.04 -6.86
N VAL A 78 8.22 -30.40 -6.20
CA VAL A 78 8.50 -29.59 -5.02
C VAL A 78 7.66 -30.13 -3.86
N GLU A 79 8.35 -30.44 -2.79
CA GLU A 79 7.74 -31.00 -1.59
C GLU A 79 7.38 -29.83 -0.70
N ILE A 80 6.14 -29.79 -0.24
CA ILE A 80 5.68 -28.69 0.62
C ILE A 80 5.19 -29.23 1.96
N ASN A 81 6.03 -28.98 2.97
CA ASN A 81 5.88 -29.44 4.38
C ASN A 81 5.21 -28.39 5.28
N ASP A 82 5.56 -27.13 5.02
CA ASP A 82 5.12 -26.01 5.83
C ASP A 82 3.65 -25.62 5.77
N VAL A 83 2.79 -26.28 4.99
CA VAL A 83 1.46 -25.71 4.71
C VAL A 83 0.34 -26.71 4.55
N GLU A 84 -0.76 -26.46 5.26
CA GLU A 84 -2.00 -27.20 5.12
C GLU A 84 -2.52 -27.14 3.67
N PRO A 85 -3.11 -28.24 3.18
CA PRO A 85 -3.68 -28.28 1.84
C PRO A 85 -4.67 -27.17 1.48
N GLU A 86 -5.70 -26.98 2.28
CA GLU A 86 -6.71 -25.94 2.00
C GLU A 86 -6.05 -24.54 1.92
N VAL A 87 -5.11 -24.28 2.80
CA VAL A 87 -4.44 -23.00 2.83
C VAL A 87 -3.58 -22.83 1.61
N PHE A 88 -3.02 -23.94 1.19
CA PHE A 88 -2.13 -23.92 0.04
C PHE A 88 -2.91 -23.66 -1.24
N LYS A 89 -4.08 -24.25 -1.35
CA LYS A 89 -4.95 -23.98 -2.51
C LYS A 89 -5.22 -22.49 -2.66
N GLU A 90 -5.48 -21.83 -1.53
CA GLU A 90 -5.84 -20.42 -1.52
C GLU A 90 -4.64 -19.61 -1.90
N MET A 91 -3.51 -19.88 -1.28
CA MET A 91 -2.29 -19.20 -1.69
C MET A 91 -2.06 -19.30 -3.20
N MET A 92 -2.31 -20.47 -3.77
CA MET A 92 -2.09 -20.71 -5.21
C MET A 92 -3.17 -19.99 -6.08
N CYS A 93 -4.42 -20.04 -5.66
CA CYS A 93 -5.42 -19.21 -6.25
C CYS A 93 -4.98 -17.73 -6.28
N PHE A 94 -4.37 -17.26 -5.20
CA PHE A 94 -3.80 -15.89 -5.20
C PHE A 94 -2.67 -15.71 -6.20
N ILE A 95 -1.75 -16.69 -6.26
CA ILE A 95 -0.62 -16.58 -7.19
C ILE A 95 -1.07 -16.42 -8.62
N TYR A 96 -2.10 -17.18 -8.99
CA TYR A 96 -2.61 -17.16 -10.36
C TYR A 96 -3.59 -16.01 -10.67
N THR A 97 -4.39 -15.60 -9.69
CA THR A 97 -5.44 -14.60 -9.94
C THR A 97 -5.44 -13.27 -9.14
N GLY A 98 -4.52 -13.06 -8.21
CA GLY A 98 -4.57 -11.90 -7.34
C GLY A 98 -5.66 -11.89 -6.24
N LYS A 99 -6.56 -12.86 -6.28
CA LYS A 99 -7.66 -13.01 -5.34
C LYS A 99 -7.52 -14.21 -4.40
N ALA A 100 -8.21 -14.10 -3.28
CA ALA A 100 -8.26 -15.11 -2.26
C ALA A 100 -9.65 -15.15 -1.63
N PRO A 101 -10.64 -15.67 -2.35
CA PRO A 101 -12.04 -15.65 -1.91
C PRO A 101 -12.37 -16.25 -0.55
N ASN A 102 -11.55 -17.15 -0.03
CA ASN A 102 -11.82 -17.75 1.27
C ASN A 102 -10.82 -17.29 2.33
N LEU A 103 -10.26 -16.11 2.11
CA LEU A 103 -9.26 -15.61 3.01
C LEU A 103 -9.76 -15.47 4.48
N ASP A 104 -11.05 -15.20 4.68
CA ASP A 104 -11.59 -14.90 6.04
C ASP A 104 -11.64 -16.07 6.96
N LYS A 105 -11.88 -17.25 6.41
CA LYS A 105 -11.88 -18.43 7.21
C LYS A 105 -10.45 -18.92 7.58
N MET A 106 -9.40 -18.38 6.98
CA MET A 106 -8.04 -18.92 7.26
C MET A 106 -6.96 -17.87 7.34
N ALA A 107 -7.30 -16.66 7.76
CA ALA A 107 -6.39 -15.53 7.58
C ALA A 107 -5.06 -15.63 8.36
N ASP A 108 -5.09 -16.24 9.53
CA ASP A 108 -3.82 -16.51 10.29
C ASP A 108 -2.86 -17.48 9.55
N ASP A 109 -3.38 -18.62 9.09
CA ASP A 109 -2.51 -19.61 8.38
C ASP A 109 -2.12 -19.06 7.02
N LEU A 110 -3.08 -18.44 6.32
CA LEU A 110 -2.73 -17.78 5.04
C LEU A 110 -1.65 -16.71 5.20
N LEU A 111 -1.76 -15.88 6.23
CA LEU A 111 -0.66 -14.95 6.54
C LEU A 111 0.68 -15.66 6.66
N ALA A 112 0.70 -16.79 7.37
CA ALA A 112 1.95 -17.58 7.57
C ALA A 112 2.52 -18.11 6.24
N ALA A 113 1.63 -18.68 5.43
CA ALA A 113 1.96 -19.07 4.07
C ALA A 113 2.48 -17.94 3.19
N ALA A 114 1.83 -16.76 3.24
CA ALA A 114 2.26 -15.68 2.37
C ALA A 114 3.60 -15.17 2.84
N ASP A 115 3.81 -15.24 4.13
CA ASP A 115 5.11 -14.85 4.67
C ASP A 115 6.20 -15.81 4.18
N LYS A 116 5.98 -17.13 4.30
CA LYS A 116 6.98 -18.12 3.86
C LYS A 116 7.26 -18.07 2.35
N TYR A 117 6.26 -17.74 1.53
CA TYR A 117 6.50 -17.60 0.07
C TYR A 117 6.71 -16.18 -0.45
N ALA A 118 6.92 -15.25 0.49
CA ALA A 118 7.17 -13.82 0.24
C ALA A 118 6.19 -13.21 -0.75
N LEU A 119 4.92 -13.46 -0.51
CA LEU A 119 3.82 -12.86 -1.31
C LEU A 119 3.27 -11.63 -0.56
N GLU A 120 3.86 -10.47 -0.81
CA GLU A 120 3.63 -9.28 0.05
C GLU A 120 2.17 -8.83 0.10
N ARG A 121 1.57 -8.69 -1.04
CA ARG A 121 0.23 -8.25 -1.08
C ARG A 121 -0.77 -9.17 -0.36
N LEU A 122 -0.57 -10.47 -0.48
CA LEU A 122 -1.51 -11.43 0.15
C LEU A 122 -1.32 -11.31 1.65
N LYS A 123 -0.08 -11.09 2.05
CA LYS A 123 0.23 -10.89 3.42
C LYS A 123 -0.61 -9.73 3.95
N VAL A 124 -0.53 -8.59 3.28
CA VAL A 124 -1.29 -7.43 3.69
C VAL A 124 -2.81 -7.67 3.62
N MET A 125 -3.30 -8.41 2.62
CA MET A 125 -4.71 -8.74 2.63
C MET A 125 -5.11 -9.49 3.90
N CYS A 126 -4.22 -10.36 4.37
CA CYS A 126 -4.43 -11.10 5.61
C CYS A 126 -4.35 -10.15 6.83
N GLU A 127 -3.45 -9.19 6.80
CA GLU A 127 -3.33 -8.23 7.84
C GLU A 127 -4.61 -7.40 8.05
N ASP A 128 -5.27 -7.09 6.95
CA ASP A 128 -6.51 -6.36 6.87
C ASP A 128 -7.68 -7.13 7.50
N ALA A 129 -7.85 -8.37 7.09
CA ALA A 129 -8.88 -9.22 7.66
C ALA A 129 -8.71 -9.37 9.17
N LEU A 130 -7.47 -9.58 9.59
CA LEU A 130 -7.21 -9.85 10.98
C LEU A 130 -7.42 -8.58 11.84
N CYS A 131 -6.99 -7.44 11.33
CA CYS A 131 -7.29 -6.16 11.96
C CYS A 131 -8.81 -5.93 12.20
N SER A 132 -9.63 -6.22 11.21
CA SER A 132 -11.08 -6.11 11.35
C SER A 132 -11.65 -7.05 12.39
N ASN A 133 -10.89 -8.06 12.76
CA ASN A 133 -11.29 -9.02 13.79
C ASN A 133 -10.63 -8.79 15.11
N LEU A 134 -9.85 -7.72 15.24
CA LEU A 134 -9.28 -7.42 16.55
C LEU A 134 -10.44 -7.32 17.59
N SER A 135 -10.21 -7.99 18.71
CA SER A 135 -11.14 -7.98 19.82
C SER A 135 -10.30 -7.99 21.08
N VAL A 136 -10.92 -7.59 22.19
CA VAL A 136 -10.28 -7.56 23.51
C VAL A 136 -9.65 -8.91 23.79
N GLU A 137 -10.47 -9.94 23.61
CA GLU A 137 -10.10 -11.32 23.92
C GLU A 137 -8.92 -11.86 23.06
N ASN A 138 -8.82 -11.45 21.78
CA ASN A 138 -7.82 -12.02 20.84
C ASN A 138 -6.64 -11.13 20.51
N ALA A 139 -6.61 -9.94 21.06
CA ALA A 139 -5.63 -8.92 20.64
C ALA A 139 -4.16 -9.28 20.97
N ALA A 140 -3.94 -9.96 22.08
CA ALA A 140 -2.61 -10.41 22.43
C ALA A 140 -2.12 -11.47 21.40
N GLU A 141 -3.01 -12.43 21.17
CA GLU A 141 -2.81 -13.51 20.19
C GLU A 141 -2.46 -12.90 18.81
N ILE A 142 -3.26 -11.94 18.39
CA ILE A 142 -3.06 -11.31 17.09
C ILE A 142 -1.71 -10.55 17.02
N LEU A 143 -1.33 -9.85 18.06
CA LEU A 143 -0.03 -9.21 18.08
C LEU A 143 1.11 -10.19 18.02
N ILE A 144 0.96 -11.32 18.72
CA ILE A 144 1.99 -12.38 18.67
C ILE A 144 2.14 -12.85 17.23
N LEU A 145 1.03 -13.24 16.64
CA LEU A 145 1.01 -13.66 15.27
C LEU A 145 1.69 -12.69 14.34
N ALA A 146 1.35 -11.44 14.50
CA ALA A 146 1.89 -10.39 13.64
C ALA A 146 3.38 -10.19 13.79
N ASP A 147 3.88 -10.31 15.00
CA ASP A 147 5.32 -10.19 15.24
C ASP A 147 6.05 -11.45 14.68
N LEU A 148 5.49 -12.62 15.00
CA LEU A 148 5.92 -13.87 14.42
C LEU A 148 6.16 -13.75 12.92
N HIS A 149 5.18 -13.18 12.21
CA HIS A 149 5.16 -13.19 10.75
C HIS A 149 5.57 -11.91 10.04
N SER A 150 6.23 -10.99 10.74
CA SER A 150 6.70 -9.72 10.10
C SER A 150 5.57 -8.95 9.37
N ALA A 151 4.41 -8.86 10.02
CA ALA A 151 3.27 -8.14 9.49
C ALA A 151 3.21 -6.76 10.16
N ASP A 152 3.93 -5.79 9.61
CA ASP A 152 4.04 -4.46 10.18
C ASP A 152 2.73 -3.66 10.39
N GLN A 153 1.90 -3.49 9.37
CA GLN A 153 0.70 -2.75 9.58
C GLN A 153 -0.13 -3.40 10.68
N LEU A 154 -0.19 -4.72 10.68
CA LEU A 154 -1.04 -5.47 11.68
C LEU A 154 -0.49 -5.40 13.11
N LYS A 155 0.82 -5.34 13.22
CA LYS A 155 1.45 -5.20 14.50
C LYS A 155 1.05 -3.85 15.07
N THR A 156 1.26 -2.79 14.27
CA THR A 156 0.91 -1.43 14.63
C THR A 156 -0.57 -1.31 15.03
N GLN A 157 -1.48 -1.76 14.17
CA GLN A 157 -2.89 -1.75 14.54
C GLN A 157 -3.17 -2.49 15.85
N ALA A 158 -2.54 -3.65 16.07
CA ALA A 158 -2.83 -4.42 17.29
C ALA A 158 -2.34 -3.65 18.51
N VAL A 159 -1.14 -3.10 18.41
CA VAL A 159 -0.62 -2.27 19.50
C VAL A 159 -1.59 -1.10 19.85
N ASP A 160 -1.93 -0.25 18.87
CA ASP A 160 -2.91 0.80 19.07
C ASP A 160 -4.21 0.29 19.69
N PHE A 161 -4.73 -0.87 19.23
CA PHE A 161 -5.98 -1.39 19.76
C PHE A 161 -5.82 -1.79 21.22
N ILE A 162 -4.62 -2.23 21.55
CA ILE A 162 -4.35 -2.68 22.90
C ILE A 162 -4.31 -1.46 23.85
N ASN A 163 -3.66 -0.38 23.42
CA ASN A 163 -3.56 0.86 24.17
C ASN A 163 -4.89 1.60 24.31
N TYR A 164 -5.65 1.72 23.24
CA TYR A 164 -6.97 2.29 23.38
C TYR A 164 -7.87 1.45 24.30
N HIS A 165 -7.63 0.15 24.39
CA HIS A 165 -8.48 -0.71 25.24
C HIS A 165 -7.73 -1.35 26.42
N ALA A 166 -6.65 -0.74 26.91
CA ALA A 166 -5.77 -1.41 27.89
C ALA A 166 -6.45 -1.91 29.17
N SER A 167 -7.51 -1.21 29.60
CA SER A 167 -8.19 -1.62 30.83
C SER A 167 -8.73 -3.06 30.65
N ASP A 168 -9.60 -3.27 29.66
CA ASP A 168 -10.19 -4.60 29.46
C ASP A 168 -9.17 -5.68 29.03
N VAL A 169 -8.12 -5.25 28.33
CA VAL A 169 -7.18 -6.17 27.71
C VAL A 169 -6.29 -6.79 28.77
N LEU A 170 -5.81 -5.98 29.71
CA LEU A 170 -5.00 -6.49 30.82
C LEU A 170 -5.71 -7.60 31.63
N GLU A 171 -7.05 -7.63 31.59
CA GLU A 171 -7.82 -8.64 32.33
C GLU A 171 -8.10 -9.93 31.57
N THR A 172 -7.41 -10.15 30.45
CA THR A 172 -7.59 -11.32 29.57
C THR A 172 -6.48 -12.34 29.81
N SER A 173 -6.83 -13.62 29.67
CA SER A 173 -5.86 -14.69 29.84
C SER A 173 -4.80 -14.63 28.76
N GLY A 174 -5.22 -14.22 27.58
CA GLY A 174 -4.34 -13.99 26.46
C GLY A 174 -3.28 -12.95 26.76
N TRP A 175 -3.69 -11.81 27.32
CA TRP A 175 -2.69 -10.80 27.63
C TRP A 175 -1.76 -11.29 28.75
N LYS A 176 -2.35 -11.92 29.77
CA LYS A 176 -1.57 -12.52 30.86
C LYS A 176 -0.59 -13.55 30.35
N SER A 177 -1.08 -14.47 29.53
CA SER A 177 -0.21 -15.45 28.92
C SER A 177 0.98 -14.76 28.30
N MET A 178 0.67 -13.72 27.56
CA MET A 178 1.69 -13.05 26.73
C MET A 178 2.77 -12.37 27.55
N VAL A 179 2.36 -11.81 28.68
CA VAL A 179 3.33 -11.18 29.57
C VAL A 179 4.48 -12.15 29.87
N VAL A 180 4.14 -13.41 30.14
CA VAL A 180 5.15 -14.44 30.35
C VAL A 180 5.85 -14.83 29.06
N SER A 181 5.04 -15.22 28.05
CA SER A 181 5.56 -15.83 26.79
C SER A 181 6.35 -14.91 25.89
N HIS A 182 5.94 -13.65 25.77
CA HIS A 182 6.64 -12.65 24.97
C HIS A 182 6.71 -11.33 25.72
N PRO A 183 7.65 -11.22 26.68
CA PRO A 183 7.71 -9.93 27.42
C PRO A 183 8.15 -8.71 26.55
N HIS A 184 8.99 -8.93 25.54
CA HIS A 184 9.46 -7.82 24.67
C HIS A 184 8.33 -7.12 23.87
N LEU A 185 7.25 -7.85 23.60
CA LEU A 185 6.08 -7.27 22.96
C LEU A 185 5.42 -6.33 23.94
N VAL A 186 5.16 -6.79 25.16
CA VAL A 186 4.69 -5.89 26.24
C VAL A 186 5.56 -4.61 26.29
N ALA A 187 6.88 -4.77 26.18
CA ALA A 187 7.80 -3.64 26.17
C ALA A 187 7.43 -2.66 25.06
N GLU A 188 7.41 -3.15 23.82
CA GLU A 188 7.21 -2.31 22.65
C GLU A 188 5.87 -1.56 22.72
N ALA A 189 4.87 -2.23 23.26
CA ALA A 189 3.54 -1.66 23.46
C ALA A 189 3.52 -0.53 24.52
N GLU A 190 4.22 -0.74 25.64
CA GLU A 190 4.43 0.29 26.66
C GLU A 190 5.23 1.46 26.02
N ARG A 191 6.32 1.13 25.32
CA ARG A 191 7.13 2.12 24.56
C ARG A 191 6.28 2.97 23.60
N SER A 192 5.16 2.44 23.11
CA SER A 192 4.16 3.23 22.39
C SER A 192 3.43 4.24 23.34
N LEU A 193 4.18 5.25 23.81
CA LEU A 193 3.74 6.22 24.82
C LEU A 193 3.85 7.63 24.27
N MET B 15 -19.56 -16.26 -20.98
CA MET B 15 -20.58 -16.08 -22.06
C MET B 15 -20.98 -14.59 -22.16
N VAL B 16 -21.57 -14.07 -21.08
CA VAL B 16 -21.95 -12.65 -21.01
C VAL B 16 -20.73 -11.76 -20.72
N LYS B 17 -20.52 -10.73 -21.50
CA LYS B 17 -19.36 -9.83 -21.30
C LYS B 17 -19.85 -8.55 -20.58
N VAL B 18 -19.42 -8.37 -19.34
CA VAL B 18 -19.74 -7.22 -18.58
C VAL B 18 -18.84 -6.10 -19.03
N PRO B 19 -19.41 -4.93 -19.34
CA PRO B 19 -18.53 -3.83 -19.67
C PRO B 19 -17.74 -3.30 -18.45
N GLU B 20 -16.64 -2.66 -18.79
CA GLU B 20 -15.78 -1.96 -17.87
C GLU B 20 -16.48 -0.84 -17.09
N CYS B 21 -16.29 -0.86 -15.78
CA CYS B 21 -16.76 0.21 -14.86
C CYS B 21 -16.45 1.61 -15.34
N ARG B 22 -17.45 2.50 -15.39
CA ARG B 22 -17.20 3.90 -15.78
C ARG B 22 -17.33 4.90 -14.61
N LEU B 23 -17.32 4.42 -13.37
CA LEU B 23 -17.55 5.26 -12.19
C LEU B 23 -16.62 6.45 -12.20
N ALA B 24 -15.34 6.16 -12.32
CA ALA B 24 -14.37 7.18 -12.19
C ALA B 24 -14.57 8.22 -13.25
N ASP B 25 -14.86 7.81 -14.48
CA ASP B 25 -14.98 8.78 -15.58
C ASP B 25 -16.31 9.55 -15.55
N GLU B 26 -17.36 8.94 -15.05
CA GLU B 26 -18.61 9.68 -14.92
C GLU B 26 -18.45 10.73 -13.85
N LEU B 27 -17.79 10.42 -12.74
CA LEU B 27 -17.48 11.48 -11.78
C LEU B 27 -16.56 12.53 -12.35
N GLY B 28 -15.59 12.10 -13.16
CA GLY B 28 -14.71 13.04 -13.84
C GLY B 28 -15.55 13.97 -14.71
N GLY B 29 -16.66 13.46 -15.21
CA GLY B 29 -17.61 14.26 -15.99
C GLY B 29 -18.26 15.39 -15.20
N LEU B 30 -18.61 15.12 -13.95
CA LEU B 30 -19.16 16.16 -13.07
C LEU B 30 -18.24 17.36 -12.92
N TRP B 31 -16.99 17.06 -12.67
CA TRP B 31 -16.00 18.08 -12.44
C TRP B 31 -15.72 18.83 -13.70
N GLU B 32 -15.72 18.12 -14.84
CA GLU B 32 -15.22 18.69 -16.10
C GLU B 32 -16.22 19.66 -16.69
N ASN B 33 -17.50 19.35 -16.54
CA ASN B 33 -18.60 20.13 -17.07
C ASN B 33 -19.39 20.87 -16.00
N SER B 34 -18.89 20.89 -14.78
CA SER B 34 -19.43 21.70 -13.70
C SER B 34 -20.91 21.55 -13.52
N ARG B 35 -21.40 20.33 -13.51
CA ARG B 35 -22.81 20.07 -13.33
C ARG B 35 -23.16 19.69 -11.92
N PHE B 36 -24.34 20.10 -11.49
CA PHE B 36 -24.81 20.04 -10.08
C PHE B 36 -23.81 20.44 -8.98
N THR B 37 -22.97 21.43 -9.27
CA THR B 37 -21.99 21.89 -8.29
C THR B 37 -22.64 22.67 -7.16
N ASP B 38 -21.93 22.86 -6.05
CA ASP B 38 -22.49 23.49 -4.86
C ASP B 38 -21.47 24.21 -4.01
N CYS B 39 -20.32 24.51 -4.61
CA CYS B 39 -19.30 25.22 -3.93
C CYS B 39 -18.34 25.70 -4.96
N CYS B 40 -17.39 26.55 -4.56
CA CYS B 40 -16.49 27.21 -5.49
C CYS B 40 -15.10 27.21 -4.88
N LEU B 41 -14.07 27.00 -5.69
CA LEU B 41 -12.70 27.00 -5.19
C LEU B 41 -11.89 28.00 -5.96
N CYS B 42 -11.20 28.91 -5.26
CA CYS B 42 -10.52 30.01 -5.96
C CYS B 42 -9.03 29.90 -5.78
N VAL B 43 -8.36 29.68 -6.90
CA VAL B 43 -6.93 29.41 -6.94
C VAL B 43 -6.33 30.49 -7.79
N ALA B 44 -5.44 31.32 -7.24
CA ALA B 44 -4.81 32.44 -7.97
C ALA B 44 -5.81 33.25 -8.84
N GLY B 45 -6.97 33.61 -8.26
CA GLY B 45 -8.01 34.35 -8.97
C GLY B 45 -8.97 33.55 -9.85
N GLN B 46 -8.62 32.31 -10.22
CA GLN B 46 -9.48 31.44 -11.05
C GLN B 46 -10.52 30.78 -10.17
N GLU B 47 -11.77 30.72 -10.64
CA GLU B 47 -12.83 30.04 -9.90
C GLU B 47 -13.09 28.67 -10.49
N PHE B 48 -13.35 27.69 -9.63
CA PHE B 48 -13.67 26.34 -10.05
C PHE B 48 -14.81 25.84 -9.22
N GLN B 49 -15.88 25.38 -9.85
CA GLN B 49 -17.00 24.86 -9.11
C GLN B 49 -16.72 23.37 -8.83
N ALA B 50 -17.23 22.90 -7.70
CA ALA B 50 -16.99 21.57 -7.27
C ALA B 50 -18.16 21.09 -6.44
N HIS B 51 -18.00 19.94 -5.77
CA HIS B 51 -19.08 19.27 -5.07
C HIS B 51 -18.58 18.87 -3.72
N LYS B 52 -19.22 19.39 -2.69
CA LYS B 52 -18.70 19.23 -1.36
C LYS B 52 -18.58 17.78 -0.96
N ALA B 53 -19.62 17.01 -1.25
CA ALA B 53 -19.70 15.68 -0.69
C ALA B 53 -18.49 14.85 -1.19
N ILE B 54 -18.17 14.98 -2.49
CA ILE B 54 -17.12 14.22 -3.13
C ILE B 54 -15.77 14.58 -2.51
N LEU B 55 -15.41 15.84 -2.63
CA LEU B 55 -14.23 16.38 -1.93
C LEU B 55 -14.09 15.97 -0.46
N ALA B 56 -15.18 16.00 0.28
CA ALA B 56 -15.17 15.62 1.68
C ALA B 56 -14.87 14.14 1.84
N ALA B 57 -15.51 13.32 1.01
CA ALA B 57 -15.34 11.88 1.03
C ALA B 57 -13.90 11.49 0.70
N ARG B 58 -13.19 12.31 -0.06
CA ARG B 58 -11.86 11.97 -0.59
C ARG B 58 -10.73 12.67 0.12
N SER B 59 -11.03 13.73 0.88
CA SER B 59 -10.00 14.50 1.55
C SER B 59 -10.46 14.85 2.91
N PRO B 60 -9.72 14.43 3.94
CA PRO B 60 -10.09 14.73 5.32
C PRO B 60 -9.95 16.20 5.61
N VAL B 61 -9.09 16.88 4.87
CA VAL B 61 -8.90 18.30 5.05
C VAL B 61 -10.13 19.04 4.51
N PHE B 62 -10.43 18.87 3.22
CA PHE B 62 -11.68 19.36 2.68
C PHE B 62 -12.86 18.97 3.54
N SER B 63 -12.83 17.83 4.18
CA SER B 63 -14.03 17.33 4.83
C SER B 63 -14.33 18.20 6.06
N ALA B 64 -13.28 18.51 6.80
CA ALA B 64 -13.39 19.24 8.06
C ALA B 64 -13.62 20.76 7.82
N MET B 65 -13.04 21.29 6.77
CA MET B 65 -13.36 22.62 6.34
C MET B 65 -14.87 22.75 6.15
N PHE B 66 -15.46 21.88 5.33
CA PHE B 66 -16.88 21.99 5.03
C PHE B 66 -17.79 21.60 6.19
N GLU B 67 -17.32 20.81 7.11
CA GLU B 67 -18.18 20.31 8.16
C GLU B 67 -18.20 21.33 9.32
N HIS B 68 -17.07 21.99 9.57
CA HIS B 68 -16.89 22.79 10.80
C HIS B 68 -16.82 24.28 10.54
N GLU B 69 -16.86 24.68 9.26
CA GLU B 69 -17.04 26.10 8.92
C GLU B 69 -18.32 26.61 9.58
N MET B 70 -18.22 27.73 10.30
CA MET B 70 -19.39 28.40 10.87
C MET B 70 -19.71 29.71 10.16
N GLU B 71 -18.73 30.31 9.43
CA GLU B 71 -18.92 31.60 8.70
C GLU B 71 -19.65 31.50 7.36
N GLU B 72 -20.87 32.03 7.29
CA GLU B 72 -21.73 31.94 6.10
C GLU B 72 -21.07 32.29 4.79
N SER B 73 -20.20 33.29 4.78
CA SER B 73 -19.50 33.70 3.54
C SER B 73 -18.39 32.73 3.03
N LYS B 74 -17.83 31.95 3.96
CA LYS B 74 -16.73 31.01 3.68
C LYS B 74 -17.24 29.61 3.33
N LYS B 75 -18.40 29.26 3.88
CA LYS B 75 -19.22 28.18 3.40
C LYS B 75 -19.45 28.34 1.87
N ASN B 76 -19.43 27.20 1.20
CA ASN B 76 -19.48 27.14 -0.27
C ASN B 76 -18.37 27.81 -1.05
N ARG B 77 -17.39 28.44 -0.41
CA ARG B 77 -16.35 29.16 -1.14
C ARG B 77 -15.02 29.07 -0.42
N VAL B 78 -14.00 28.61 -1.13
CA VAL B 78 -12.74 28.29 -0.51
C VAL B 78 -11.62 28.95 -1.26
N GLU B 79 -10.78 29.65 -0.51
CA GLU B 79 -9.63 30.35 -1.03
C GLU B 79 -8.43 29.40 -0.98
N ILE B 80 -7.73 29.26 -2.10
CA ILE B 80 -6.56 28.38 -2.15
C ILE B 80 -5.33 29.18 -2.61
N ASN B 81 -4.49 29.49 -1.64
CA ASN B 81 -3.31 30.31 -1.84
C ASN B 81 -2.08 29.45 -2.20
N ASP B 82 -1.96 28.34 -1.47
CA ASP B 82 -0.76 27.52 -1.40
C ASP B 82 -0.57 26.51 -2.58
N VAL B 83 -1.27 26.69 -3.70
CA VAL B 83 -1.15 25.75 -4.84
C VAL B 83 -1.29 26.38 -6.22
N GLU B 84 -0.32 26.08 -7.09
CA GLU B 84 -0.36 26.47 -8.50
C GLU B 84 -1.59 25.93 -9.22
N PRO B 85 -2.18 26.74 -10.13
CA PRO B 85 -3.38 26.33 -10.86
C PRO B 85 -3.28 24.98 -11.56
N GLU B 86 -2.25 24.78 -12.36
CA GLU B 86 -2.08 23.51 -13.08
C GLU B 86 -2.00 22.32 -12.09
N VAL B 87 -1.31 22.52 -10.98
CA VAL B 87 -1.13 21.45 -10.01
C VAL B 87 -2.43 21.14 -9.34
N PHE B 88 -3.20 22.19 -9.17
CA PHE B 88 -4.47 22.07 -8.51
C PHE B 88 -5.43 21.29 -9.39
N LYS B 89 -5.39 21.56 -10.68
CA LYS B 89 -6.29 20.85 -11.63
C LYS B 89 -6.05 19.36 -11.56
N GLU B 90 -4.79 18.98 -11.45
CA GLU B 90 -4.39 17.59 -11.38
C GLU B 90 -4.85 17.01 -10.07
N MET B 91 -4.59 17.68 -8.97
CA MET B 91 -5.10 17.15 -7.70
C MET B 91 -6.57 16.89 -7.76
N MET B 92 -7.30 17.78 -8.42
CA MET B 92 -8.77 17.69 -8.47
C MET B 92 -9.22 16.59 -9.38
N CYS B 93 -8.54 16.46 -10.53
CA CYS B 93 -8.73 15.28 -11.37
C CYS B 93 -8.53 13.98 -10.54
N PHE B 94 -7.50 13.94 -9.68
CA PHE B 94 -7.34 12.79 -8.79
C PHE B 94 -8.49 12.59 -7.82
N ILE B 95 -8.97 13.69 -7.23
CA ILE B 95 -10.07 13.60 -6.27
C ILE B 95 -11.26 12.95 -6.86
N TYR B 96 -11.58 13.36 -8.08
CA TYR B 96 -12.80 12.89 -8.74
C TYR B 96 -12.64 11.52 -9.40
N THR B 97 -11.45 11.24 -9.92
CA THR B 97 -11.24 9.97 -10.72
C THR B 97 -10.19 8.95 -10.24
N GLY B 98 -9.45 9.21 -9.19
CA GLY B 98 -8.36 8.34 -8.81
C GLY B 98 -7.10 8.38 -9.68
N LYS B 99 -7.16 9.11 -10.79
CA LYS B 99 -6.07 9.21 -11.75
C LYS B 99 -5.45 10.60 -11.79
N ALA B 100 -4.19 10.63 -12.24
CA ALA B 100 -3.43 11.83 -12.40
C ALA B 100 -2.53 11.73 -13.64
N PRO B 101 -3.13 11.87 -14.84
CA PRO B 101 -2.42 11.66 -16.12
C PRO B 101 -1.20 12.54 -16.37
N ASN B 102 -1.07 13.66 -15.69
CA ASN B 102 0.10 14.51 -15.90
C ASN B 102 1.00 14.56 -14.68
N LEU B 103 0.91 13.52 -13.86
CA LEU B 103 1.68 13.49 -12.64
C LEU B 103 3.22 13.61 -12.82
N ASP B 104 3.76 13.12 -13.94
CA ASP B 104 5.24 13.09 -14.19
C ASP B 104 5.87 14.45 -14.43
N LYS B 105 5.10 15.36 -14.99
CA LYS B 105 5.52 16.74 -15.15
C LYS B 105 5.60 17.51 -13.85
N MET B 106 4.89 17.08 -12.82
CA MET B 106 4.73 17.93 -11.64
C MET B 106 4.81 17.18 -10.33
N ALA B 107 5.55 16.08 -10.29
CA ALA B 107 5.43 15.20 -9.13
C ALA B 107 5.82 15.82 -7.77
N ASP B 108 6.82 16.71 -7.74
CA ASP B 108 7.21 17.39 -6.50
C ASP B 108 6.12 18.32 -5.95
N ASP B 109 5.54 19.14 -6.83
CA ASP B 109 4.47 20.07 -6.42
C ASP B 109 3.19 19.31 -6.12
N LEU B 110 2.85 18.37 -6.98
CA LEU B 110 1.72 17.47 -6.69
C LEU B 110 1.86 16.72 -5.33
N LEU B 111 3.03 16.18 -5.06
CA LEU B 111 3.28 15.64 -3.72
C LEU B 111 2.94 16.65 -2.61
N ALA B 112 3.40 17.89 -2.76
CA ALA B 112 3.14 18.95 -1.76
C ALA B 112 1.67 19.22 -1.58
N ALA B 113 0.98 19.30 -2.71
CA ALA B 113 -0.49 19.43 -2.71
C ALA B 113 -1.20 18.26 -2.06
N ALA B 114 -0.77 17.03 -2.37
CA ALA B 114 -1.45 15.86 -1.80
C ALA B 114 -1.21 15.80 -0.33
N ASP B 115 -0.05 16.30 0.08
CA ASP B 115 0.26 16.33 1.49
C ASP B 115 -0.65 17.33 2.21
N LYS B 116 -0.76 18.55 1.68
CA LYS B 116 -1.59 19.58 2.32
C LYS B 116 -3.05 19.17 2.39
N TYR B 117 -3.55 18.43 1.37
CA TYR B 117 -4.95 17.96 1.42
C TYR B 117 -5.20 16.54 1.91
N ALA B 118 -4.16 15.96 2.49
CA ALA B 118 -4.14 14.60 3.04
C ALA B 118 -4.73 13.60 2.11
N LEU B 119 -4.23 13.59 0.89
CA LEU B 119 -4.68 12.59 -0.14
C LEU B 119 -3.59 11.50 -0.22
N GLU B 120 -3.75 10.44 0.56
CA GLU B 120 -2.63 9.51 0.83
C GLU B 120 -2.15 8.80 -0.43
N ARG B 121 -3.06 8.21 -1.15
CA ARG B 121 -2.70 7.53 -2.35
C ARG B 121 -1.99 8.34 -3.41
N LEU B 122 -2.41 9.60 -3.58
CA LEU B 122 -1.82 10.47 -4.60
C LEU B 122 -0.43 10.78 -4.16
N LYS B 123 -0.28 11.02 -2.88
CA LYS B 123 1.00 11.23 -2.30
C LYS B 123 1.94 10.07 -2.71
N VAL B 124 1.51 8.83 -2.46
CA VAL B 124 2.33 7.68 -2.81
C VAL B 124 2.55 7.52 -4.31
N MET B 125 1.54 7.83 -5.12
CA MET B 125 1.78 7.87 -6.57
C MET B 125 2.92 8.85 -6.92
N CYS B 126 2.98 9.97 -6.21
CA CYS B 126 4.05 10.91 -6.43
C CYS B 126 5.39 10.35 -5.91
N GLU B 127 5.35 9.65 -4.79
CA GLU B 127 6.55 9.05 -4.22
C GLU B 127 7.22 8.08 -5.21
N ASP B 128 6.38 7.36 -5.94
CA ASP B 128 6.73 6.38 -6.93
C ASP B 128 7.45 7.01 -8.12
N ALA B 129 6.86 8.03 -8.68
CA ALA B 129 7.43 8.74 -9.78
C ALA B 129 8.80 9.28 -9.39
N LEU B 130 8.88 9.88 -8.22
CA LEU B 130 10.09 10.54 -7.79
C LEU B 130 11.21 9.54 -7.50
N CYS B 131 10.86 8.43 -6.90
CA CYS B 131 11.81 7.32 -6.74
C CYS B 131 12.42 6.84 -8.08
N SER B 132 11.60 6.68 -9.11
CA SER B 132 12.09 6.32 -10.45
C SER B 132 13.00 7.35 -11.06
N ASN B 133 12.98 8.56 -10.51
CA ASN B 133 13.84 9.64 -10.97
C ASN B 133 15.03 9.88 -10.06
N LEU B 134 15.21 9.05 -9.04
CA LEU B 134 16.38 9.23 -8.18
C LEU B 134 17.67 9.16 -9.01
N SER B 135 18.53 10.14 -8.79
CA SER B 135 19.80 10.24 -9.47
C SER B 135 20.80 10.78 -8.46
N VAL B 136 22.07 10.56 -8.76
CA VAL B 136 23.18 11.05 -7.95
C VAL B 136 23.00 12.55 -7.67
N GLU B 137 22.78 13.28 -8.75
CA GLU B 137 22.66 14.75 -8.70
C GLU B 137 21.48 15.29 -7.86
N ASN B 138 20.35 14.58 -7.88
CA ASN B 138 19.11 15.07 -7.25
C ASN B 138 18.72 14.39 -5.96
N ALA B 139 19.50 13.42 -5.50
CA ALA B 139 19.10 12.56 -4.37
C ALA B 139 18.96 13.33 -3.03
N ALA B 140 19.80 14.33 -2.84
CA ALA B 140 19.72 15.14 -1.63
C ALA B 140 18.39 15.92 -1.62
N GLU B 141 18.17 16.59 -2.75
CA GLU B 141 16.97 17.38 -3.00
C GLU B 141 15.77 16.52 -2.73
N ILE B 142 15.78 15.32 -3.31
CA ILE B 142 14.64 14.44 -3.18
C ILE B 142 14.40 14.04 -1.74
N LEU B 143 15.47 13.76 -1.01
CA LEU B 143 15.32 13.42 0.40
C LEU B 143 14.78 14.59 1.22
N ILE B 144 15.22 15.81 0.91
CA ILE B 144 14.72 17.01 1.59
C ILE B 144 13.22 17.10 1.36
N LEU B 145 12.85 17.07 0.10
CA LEU B 145 11.46 17.09 -0.30
C LEU B 145 10.63 16.06 0.43
N ALA B 146 11.12 14.84 0.45
CA ALA B 146 10.41 13.74 1.08
C ALA B 146 10.25 13.90 2.55
N ASP B 147 11.25 14.46 3.21
CA ASP B 147 11.15 14.73 4.64
C ASP B 147 10.18 15.93 4.87
N LEU B 148 10.41 17.02 4.13
CA LEU B 148 9.49 18.16 4.11
C LEU B 148 8.04 17.73 4.11
N HIS B 149 7.71 16.78 3.23
CA HIS B 149 6.31 16.38 2.96
C HIS B 149 5.78 15.10 3.59
N SER B 150 6.48 14.55 4.60
CA SER B 150 6.06 13.28 5.24
C SER B 150 5.80 12.13 4.24
N ALA B 151 6.68 11.97 3.26
CA ALA B 151 6.61 10.87 2.30
C ALA B 151 7.55 9.73 2.73
N ASP B 152 7.07 8.84 3.56
CA ASP B 152 7.94 7.80 4.16
C ASP B 152 8.58 6.81 3.18
N GLN B 153 7.81 6.15 2.29
CA GLN B 153 8.44 5.24 1.37
C GLN B 153 9.53 5.94 0.58
N LEU B 154 9.30 7.18 0.17
CA LEU B 154 10.27 7.94 -0.65
C LEU B 154 11.49 8.32 0.13
N LYS B 155 11.30 8.66 1.40
CA LYS B 155 12.42 9.01 2.26
C LYS B 155 13.34 7.80 2.34
N THR B 156 12.75 6.65 2.68
CA THR B 156 13.48 5.40 2.76
C THR B 156 14.22 5.06 1.47
N GLN B 157 13.51 5.04 0.34
CA GLN B 157 14.18 4.80 -0.95
C GLN B 157 15.33 5.78 -1.16
N ALA B 158 15.17 7.06 -0.80
CA ALA B 158 16.24 8.05 -1.09
C ALA B 158 17.44 7.75 -0.23
N VAL B 159 17.20 7.48 1.03
CA VAL B 159 18.26 7.12 1.94
C VAL B 159 19.05 5.91 1.38
N ASP B 160 18.36 4.79 1.13
CA ASP B 160 19.01 3.63 0.50
C ASP B 160 19.80 3.97 -0.76
N PHE B 161 19.26 4.84 -1.61
CA PHE B 161 19.94 5.17 -2.85
C PHE B 161 21.19 5.98 -2.55
N ILE B 162 21.14 6.76 -1.48
CA ILE B 162 22.26 7.59 -1.12
C ILE B 162 23.40 6.68 -0.60
N ASN B 163 23.04 5.69 0.21
CA ASN B 163 24.00 4.72 0.79
C ASN B 163 24.62 3.77 -0.22
N TYR B 164 23.83 3.19 -1.12
CA TYR B 164 24.41 2.40 -2.19
C TYR B 164 25.33 3.25 -3.07
N HIS B 165 25.08 4.57 -3.18
CA HIS B 165 25.89 5.43 -4.06
C HIS B 165 26.66 6.52 -3.35
N ALA B 166 27.00 6.32 -2.08
CA ALA B 166 27.59 7.41 -1.26
C ALA B 166 28.87 8.08 -1.83
N SER B 167 29.67 7.35 -2.58
CA SER B 167 30.89 7.92 -3.17
C SER B 167 30.55 9.11 -4.06
N ASP B 168 29.77 8.85 -5.11
CA ASP B 168 29.44 9.89 -6.09
C ASP B 168 28.55 10.99 -5.48
N VAL B 169 27.73 10.63 -4.49
CA VAL B 169 26.73 11.53 -3.95
C VAL B 169 27.40 12.61 -3.10
N LEU B 170 28.35 12.20 -2.26
CA LEU B 170 29.11 13.16 -1.44
C LEU B 170 29.79 14.26 -2.29
N GLU B 171 30.05 13.99 -3.57
CA GLU B 171 30.71 14.95 -4.46
C GLU B 171 29.77 15.91 -5.20
N THR B 172 28.51 15.99 -4.77
CA THR B 172 27.48 16.84 -5.41
C THR B 172 27.26 18.10 -4.59
N SER B 173 26.95 19.19 -5.28
CA SER B 173 26.65 20.46 -4.61
C SER B 173 25.38 20.34 -3.79
N GLY B 174 24.45 19.54 -4.29
CA GLY B 174 23.24 19.21 -3.58
C GLY B 174 23.49 18.54 -2.25
N TRP B 175 24.35 17.53 -2.23
CA TRP B 175 24.65 16.88 -0.94
C TRP B 175 25.39 17.85 0.00
N LYS B 176 26.35 18.59 -0.56
CA LYS B 176 27.09 19.60 0.20
C LYS B 176 26.14 20.64 0.74
N SER B 177 25.29 21.20 -0.12
CA SER B 177 24.32 22.18 0.32
C SER B 177 23.54 21.64 1.51
N MET B 178 23.13 20.39 1.41
CA MET B 178 22.29 19.76 2.44
C MET B 178 22.98 19.59 3.79
N VAL B 179 24.27 19.24 3.74
CA VAL B 179 25.06 19.06 4.97
C VAL B 179 24.89 20.32 5.84
N VAL B 180 24.93 21.48 5.20
CA VAL B 180 24.69 22.75 5.90
C VAL B 180 23.19 22.93 6.24
N SER B 181 22.33 22.85 5.22
CA SER B 181 20.91 23.22 5.34
C SER B 181 20.06 22.29 6.23
N HIS B 182 20.29 20.98 6.14
CA HIS B 182 19.56 19.97 6.95
C HIS B 182 20.53 18.94 7.52
N PRO B 183 21.23 19.27 8.61
CA PRO B 183 22.21 18.29 9.12
C PRO B 183 21.55 17.04 9.72
N HIS B 184 20.34 17.18 10.29
CA HIS B 184 19.64 16.02 10.89
C HIS B 184 19.28 14.90 9.89
N LEU B 185 19.13 15.27 8.61
CA LEU B 185 18.92 14.28 7.55
C LEU B 185 20.19 13.49 7.35
N VAL B 186 21.32 14.19 7.20
CA VAL B 186 22.64 13.52 7.20
C VAL B 186 22.74 12.51 8.37
N ALA B 187 22.27 12.94 9.55
CA ALA B 187 22.27 12.09 10.72
C ALA B 187 21.52 10.80 10.45
N GLU B 188 20.24 10.91 10.09
CA GLU B 188 19.39 9.73 9.91
C GLU B 188 19.94 8.75 8.86
N ALA B 189 20.53 9.32 7.80
CA ALA B 189 21.16 8.53 6.73
C ALA B 189 22.39 7.75 7.19
N GLU B 190 23.23 8.39 8.01
CA GLU B 190 24.39 7.70 8.61
C GLU B 190 23.96 6.42 9.38
N ARG B 191 22.83 6.46 10.08
CA ARG B 191 22.36 5.26 10.79
C ARG B 191 22.15 4.01 9.89
#